data_6HIG
#
_entry.id   6HIG
#
_cell.length_a   64.514
_cell.length_b   63.049
_cell.length_c   68.297
_cell.angle_alpha   90.00
_cell.angle_beta   106.49
_cell.angle_gamma   90.00
#
_symmetry.space_group_name_H-M   'P 1 21 1'
#
loop_
_entity.id
_entity.type
_entity.pdbx_description
1 polymer 'Heavy Chain'
2 polymer 'Light Chain'
3 polymer 'Programmed cell death protein 1'
4 water water
#
loop_
_entity_poly.entity_id
_entity_poly.type
_entity_poly.pdbx_seq_one_letter_code
_entity_poly.pdbx_strand_id
1 'polypeptide(L)'
;EVQLVQSGAEVKKPGESLKISCKGSGYSFTNFYIHWVRQAPGQRLEWMGSIYPNYGDTAYNQKFKDRFVFSLDTSVSTAY
LQISSLKAEDTAVYYCARGYSYAMDYWGQGTTVTVSSASTKGPSVFPLAPCSRSTSESTAALGCLVKDYFPEPVTVSWNS
GALTSGVHTFPAVLQSSGLYSLSSVVTVPSSSLGTKTYTCNVDHKPSNTKVDKRVESKYGPPCPSCPAPEFLG
;
H
2 'polypeptide(L)'
;DIQMTQSPSSVSASVGDRVTITCSASQGISGDLNWYQQKPGKAPKLLIYHTSSLHSGVPSRFSGSGSGTDFTLTISSLQP
EDFATYYCQYYSKDLLTFGGGTKLEIKRTVAAPSVFIFPPSDEQLKSGTASVVCLLNNFYPREAKVQWKVDNALQSGNSQ
ESVTEQDSKDSTYSLSSTLTLSKADYEKHKVYACEVTHQGLSSPVTKSFNRGEC
;
L
3 'polypeptide(L)'
;NPPTFSPALLVVTEGDNATFTCSFSNTSESFVLNWYRMSPSNQTDKLAAFPEDRSQPGQDSRFRVTQLPNGRDFHMSVVR
ARRNDSGTYLCGAISLAPKAQIKESLRAELRVTERRAE
;
B
#
# COMPACT_ATOMS: atom_id res chain seq x y z
N GLU A 1 -11.00 18.83 0.04
CA GLU A 1 -11.84 19.18 1.18
C GLU A 1 -12.25 17.94 1.96
N VAL A 2 -12.53 16.86 1.24
CA VAL A 2 -12.90 15.59 1.86
C VAL A 2 -11.63 14.95 2.41
N GLN A 3 -11.53 14.88 3.74
CA GLN A 3 -10.36 14.31 4.40
C GLN A 3 -10.78 13.26 5.41
N LEU A 4 -10.00 12.18 5.47
CA LEU A 4 -10.13 11.16 6.51
C LEU A 4 -8.76 11.04 7.19
N VAL A 5 -8.68 11.45 8.45
CA VAL A 5 -7.45 11.44 9.22
C VAL A 5 -7.52 10.29 10.23
N GLN A 6 -6.49 9.46 10.25
CA GLN A 6 -6.42 8.31 11.15
C GLN A 6 -5.43 8.57 12.27
N SER A 7 -5.56 7.78 13.33
CA SER A 7 -4.67 7.91 14.48
C SER A 7 -3.27 7.41 14.14
N GLY A 8 -2.32 7.77 15.00
CA GLY A 8 -0.92 7.45 14.78
C GLY A 8 -0.65 5.96 14.83
N ALA A 9 0.63 5.64 14.60
CA ALA A 9 1.05 4.24 14.55
C ALA A 9 0.85 3.57 15.90
N GLU A 10 0.60 2.26 15.85
CA GLU A 10 0.32 1.46 17.04
C GLU A 10 1.36 0.36 17.18
N VAL A 11 2.01 0.29 18.33
CA VAL A 11 2.97 -0.75 18.65
C VAL A 11 2.45 -1.48 19.88
N LYS A 12 1.94 -2.69 19.69
CA LYS A 12 1.32 -3.47 20.75
C LYS A 12 2.00 -4.82 20.87
N LYS A 13 1.68 -5.53 21.97
CA LYS A 13 2.12 -6.86 22.32
C LYS A 13 1.07 -7.89 21.94
N PRO A 14 1.49 -9.14 21.65
CA PRO A 14 0.51 -10.18 21.32
C PRO A 14 -0.46 -10.45 22.47
N GLY A 15 -1.73 -10.12 22.25
CA GLY A 15 -2.77 -10.31 23.26
C GLY A 15 -3.37 -9.03 23.80
N GLU A 16 -2.85 -7.88 23.40
CA GLU A 16 -3.35 -6.60 23.89
C GLU A 16 -4.53 -6.15 23.01
N SER A 17 -4.98 -4.92 23.22
CA SER A 17 -6.10 -4.36 22.47
C SER A 17 -5.73 -2.96 21.97
N LEU A 18 -6.37 -2.57 20.87
CA LEU A 18 -6.15 -1.26 20.29
C LEU A 18 -7.40 -0.83 19.53
N LYS A 19 -7.55 0.48 19.36
CA LYS A 19 -8.70 1.05 18.65
C LYS A 19 -8.20 2.18 17.77
N ILE A 20 -8.20 1.95 16.46
CA ILE A 20 -7.79 2.97 15.51
C ILE A 20 -8.96 3.91 15.26
N SER A 21 -8.69 5.22 15.28
CA SER A 21 -9.69 6.23 14.99
C SER A 21 -9.59 6.68 13.54
N CYS A 22 -10.71 7.21 13.04
CA CYS A 22 -10.79 7.67 11.65
C CYS A 22 -11.82 8.79 11.60
N LYS A 23 -11.34 10.03 11.61
CA LYS A 23 -12.20 11.21 11.64
C LYS A 23 -12.33 11.77 10.23
N GLY A 24 -13.57 11.92 9.77
CA GLY A 24 -13.85 12.47 8.45
C GLY A 24 -14.26 13.92 8.53
N SER A 25 -13.79 14.71 7.57
CA SER A 25 -14.10 16.13 7.49
C SER A 25 -14.35 16.51 6.05
N GLY A 26 -15.00 17.66 5.87
CA GLY A 26 -15.32 18.14 4.54
C GLY A 26 -16.56 17.53 3.90
N TYR A 27 -17.32 16.74 4.65
CA TYR A 27 -18.54 16.13 4.13
C TYR A 27 -19.42 15.73 5.30
N SER A 28 -20.67 15.40 4.98
CA SER A 28 -21.61 14.90 5.99
C SER A 28 -21.24 13.46 6.32
N PHE A 29 -20.70 13.25 7.52
CA PHE A 29 -20.19 11.93 7.90
C PHE A 29 -21.30 10.90 7.98
N THR A 30 -22.53 11.32 8.27
CA THR A 30 -23.63 10.39 8.46
C THR A 30 -24.25 9.92 7.15
N ASN A 31 -23.72 10.35 6.01
CA ASN A 31 -24.33 10.03 4.71
C ASN A 31 -23.51 9.07 3.87
N PHE A 32 -22.40 8.54 4.38
CA PHE A 32 -21.52 7.70 3.59
C PHE A 32 -21.02 6.54 4.44
N TYR A 33 -20.77 5.41 3.75
CA TYR A 33 -20.19 4.25 4.40
C TYR A 33 -18.77 4.54 4.87
N ILE A 34 -18.31 3.72 5.82
CA ILE A 34 -16.91 3.69 6.23
C ILE A 34 -16.40 2.28 6.04
N HIS A 35 -15.46 2.11 5.12
CA HIS A 35 -14.85 0.82 4.85
C HIS A 35 -13.49 0.72 5.55
N TRP A 36 -13.09 -0.52 5.81
CA TRP A 36 -11.80 -0.80 6.44
C TRP A 36 -11.05 -1.81 5.59
N VAL A 37 -9.81 -1.48 5.24
CA VAL A 37 -8.97 -2.30 4.38
C VAL A 37 -7.64 -2.53 5.09
N ARG A 38 -7.14 -3.76 4.99
CA ARG A 38 -5.87 -4.15 5.59
C ARG A 38 -4.88 -4.50 4.47
N GLN A 39 -3.63 -4.08 4.65
CA GLN A 39 -2.57 -4.39 3.69
C GLN A 39 -1.34 -4.84 4.49
N ALA A 40 -1.08 -6.14 4.49
CA ALA A 40 0.12 -6.66 5.13
C ALA A 40 1.36 -6.17 4.40
N PRO A 41 2.51 -6.14 5.08
CA PRO A 41 3.73 -5.58 4.45
C PRO A 41 4.06 -6.28 3.13
N GLY A 42 4.09 -5.49 2.07
CA GLY A 42 4.44 -6.00 0.75
C GLY A 42 3.40 -6.87 0.10
N GLN A 43 2.16 -6.84 0.59
CA GLN A 43 1.08 -7.67 0.09
C GLN A 43 0.02 -6.80 -0.58
N ARG A 44 -1.04 -7.45 -1.04
CA ARG A 44 -2.13 -6.78 -1.73
C ARG A 44 -3.15 -6.25 -0.74
N LEU A 45 -4.08 -5.43 -1.25
CA LEU A 45 -5.17 -4.92 -0.45
C LEU A 45 -6.24 -5.99 -0.26
N GLU A 46 -6.80 -6.07 0.94
CA GLU A 46 -7.90 -6.99 1.21
C GLU A 46 -8.98 -6.26 2.02
N TRP A 47 -10.21 -6.32 1.51
CA TRP A 47 -11.33 -5.65 2.13
C TRP A 47 -11.72 -6.36 3.44
N MET A 48 -11.69 -5.63 4.55
CA MET A 48 -12.03 -6.21 5.84
C MET A 48 -13.52 -6.12 6.13
N GLY A 49 -14.15 -5.00 5.80
CA GLY A 49 -15.55 -4.81 6.09
C GLY A 49 -15.94 -3.36 5.94
N SER A 50 -17.23 -3.11 6.17
CA SER A 50 -17.79 -1.77 6.10
C SER A 50 -18.87 -1.63 7.15
N ILE A 51 -19.16 -0.37 7.50
CA ILE A 51 -20.17 -0.05 8.50
C ILE A 51 -20.81 1.29 8.12
N TYR A 52 -22.13 1.37 8.29
CA TYR A 52 -22.83 2.60 7.95
C TYR A 52 -23.22 3.37 9.21
N PRO A 53 -23.09 4.70 9.20
CA PRO A 53 -23.38 5.49 10.41
C PRO A 53 -24.84 5.51 10.81
N ASN A 54 -25.72 4.77 10.14
CA ASN A 54 -27.12 4.71 10.51
C ASN A 54 -27.66 3.31 10.24
N TYR A 55 -28.73 2.97 10.94
CA TYR A 55 -29.52 1.74 10.80
C TYR A 55 -28.75 0.49 11.22
N GLY A 56 -27.49 0.61 11.61
CA GLY A 56 -26.76 -0.55 12.09
C GLY A 56 -26.32 -1.53 11.02
N ASP A 57 -26.21 -1.09 9.77
CA ASP A 57 -25.79 -1.98 8.69
C ASP A 57 -24.28 -2.16 8.70
N THR A 58 -23.83 -3.38 8.96
CA THR A 58 -22.42 -3.72 8.94
C THR A 58 -22.20 -4.94 8.05
N ALA A 59 -21.06 -4.97 7.39
CA ALA A 59 -20.63 -6.11 6.59
C ALA A 59 -19.22 -6.48 6.97
N TYR A 60 -18.94 -7.78 7.04
CA TYR A 60 -17.65 -8.29 7.48
C TYR A 60 -17.13 -9.33 6.52
N ASN A 61 -15.87 -9.21 6.12
CA ASN A 61 -15.16 -10.33 5.52
C ASN A 61 -15.08 -11.46 6.54
N GLN A 62 -15.34 -12.69 6.08
CA GLN A 62 -15.44 -13.81 7.00
C GLN A 62 -14.15 -14.06 7.78
N LYS A 63 -13.02 -13.55 7.30
CA LYS A 63 -11.75 -13.74 8.00
C LYS A 63 -11.60 -12.82 9.20
N PHE A 64 -12.26 -11.66 9.16
CA PHE A 64 -12.17 -10.66 10.23
C PHE A 64 -13.51 -10.52 10.96
N LYS A 65 -14.15 -11.64 11.27
CA LYS A 65 -15.50 -11.61 11.82
C LYS A 65 -15.53 -11.23 13.29
N ASP A 66 -15.28 -12.20 14.17
CA ASP A 66 -15.53 -12.02 15.60
C ASP A 66 -14.39 -11.34 16.34
N ARG A 67 -13.21 -11.22 15.74
CA ARG A 67 -12.07 -10.59 16.40
C ARG A 67 -11.90 -9.12 16.03
N PHE A 68 -12.53 -8.67 14.95
CA PHE A 68 -12.47 -7.28 14.52
C PHE A 68 -13.85 -6.66 14.65
N VAL A 69 -13.92 -5.46 15.22
CA VAL A 69 -15.19 -4.77 15.47
C VAL A 69 -15.07 -3.34 14.97
N PHE A 70 -16.11 -2.89 14.24
CA PHE A 70 -16.20 -1.52 13.77
C PHE A 70 -17.12 -0.73 14.69
N SER A 71 -16.74 0.52 14.97
CA SER A 71 -17.55 1.41 15.78
C SER A 71 -17.59 2.79 15.11
N LEU A 72 -18.56 3.59 15.53
CA LEU A 72 -18.79 4.89 14.89
C LEU A 72 -19.19 5.92 15.93
N ASP A 73 -18.95 7.19 15.59
CA ASP A 73 -19.30 8.33 16.43
C ASP A 73 -19.85 9.41 15.50
N THR A 74 -21.18 9.45 15.35
CA THR A 74 -21.79 10.31 14.35
C THR A 74 -21.68 11.79 14.73
N SER A 75 -21.98 12.11 15.99
CA SER A 75 -21.97 13.51 16.43
C SER A 75 -20.58 14.14 16.34
N VAL A 76 -19.52 13.34 16.41
CA VAL A 76 -18.16 13.83 16.26
C VAL A 76 -17.56 13.48 14.90
N SER A 77 -18.25 12.65 14.10
CA SER A 77 -17.80 12.28 12.75
C SER A 77 -16.47 11.52 12.80
N THR A 78 -16.45 10.43 13.57
CA THR A 78 -15.24 9.63 13.74
C THR A 78 -15.59 8.15 13.68
N ALA A 79 -14.83 7.40 12.88
CA ALA A 79 -14.99 5.96 12.79
C ALA A 79 -13.92 5.27 13.62
N TYR A 80 -14.22 4.06 14.08
CA TYR A 80 -13.33 3.31 14.96
C TYR A 80 -13.17 1.88 14.47
N LEU A 81 -11.95 1.36 14.60
CA LEU A 81 -11.64 -0.04 14.35
C LEU A 81 -10.92 -0.58 15.58
N GLN A 82 -11.63 -1.41 16.36
CA GLN A 82 -11.07 -1.99 17.57
C GLN A 82 -10.77 -3.46 17.32
N ILE A 83 -9.57 -3.89 17.73
CA ILE A 83 -9.11 -5.26 17.54
C ILE A 83 -8.67 -5.79 18.90
N SER A 84 -9.28 -6.89 19.33
CA SER A 84 -8.96 -7.52 20.60
C SER A 84 -8.22 -8.83 20.37
N SER A 85 -7.61 -9.35 21.43
CA SER A 85 -6.81 -10.57 21.39
C SER A 85 -5.78 -10.49 20.26
N LEU A 86 -4.90 -9.50 20.38
CA LEU A 86 -4.02 -9.15 19.29
C LEU A 86 -3.01 -10.26 19.02
N LYS A 87 -2.78 -10.54 17.74
CA LYS A 87 -1.88 -11.59 17.30
C LYS A 87 -0.82 -11.01 16.37
N ALA A 88 0.29 -11.75 16.23
CA ALA A 88 1.40 -11.27 15.43
C ALA A 88 1.04 -11.14 13.95
N GLU A 89 0.06 -11.92 13.48
CA GLU A 89 -0.35 -11.85 12.09
C GLU A 89 -1.17 -10.60 11.76
N ASP A 90 -1.46 -9.78 12.76
CA ASP A 90 -2.21 -8.54 12.55
C ASP A 90 -1.31 -7.37 12.16
N THR A 91 0.00 -7.58 12.05
CA THR A 91 0.92 -6.52 11.66
C THR A 91 0.67 -6.16 10.20
N ALA A 92 0.15 -4.97 9.96
CA ALA A 92 -0.21 -4.53 8.61
C ALA A 92 -0.51 -3.04 8.66
N VAL A 93 -0.84 -2.48 7.50
CA VAL A 93 -1.32 -1.10 7.38
C VAL A 93 -2.83 -1.15 7.20
N TYR A 94 -3.55 -0.46 8.08
CA TYR A 94 -5.01 -0.48 8.08
C TYR A 94 -5.53 0.86 7.57
N TYR A 95 -6.34 0.81 6.52
CA TYR A 95 -6.93 2.00 5.91
C TYR A 95 -8.41 2.06 6.24
N CYS A 96 -8.87 3.26 6.55
CA CYS A 96 -10.29 3.56 6.55
C CYS A 96 -10.63 4.37 5.30
N ALA A 97 -11.80 4.12 4.72
CA ALA A 97 -12.15 4.74 3.46
C ALA A 97 -13.62 5.11 3.45
N ARG A 98 -13.90 6.37 3.11
CA ARG A 98 -15.27 6.77 2.82
C ARG A 98 -15.70 6.16 1.49
N GLY A 99 -17.00 5.93 1.36
CA GLY A 99 -17.52 5.41 0.10
C GLY A 99 -18.96 4.98 0.24
N TYR A 100 -19.37 4.15 -0.72
CA TYR A 100 -20.72 3.62 -0.79
C TYR A 100 -20.69 2.13 -0.45
N SER A 101 -21.81 1.44 -0.71
CA SER A 101 -21.89 0.04 -0.36
C SER A 101 -20.94 -0.82 -1.19
N TYR A 102 -20.48 -0.31 -2.33
CA TYR A 102 -19.70 -1.11 -3.27
C TYR A 102 -18.38 -0.48 -3.67
N ALA A 103 -18.08 0.75 -3.25
CA ALA A 103 -16.89 1.44 -3.67
C ALA A 103 -16.35 2.29 -2.52
N MET A 104 -15.07 2.63 -2.63
CA MET A 104 -14.36 3.47 -1.66
C MET A 104 -13.74 4.63 -2.41
N ASP A 105 -14.37 5.80 -2.34
CA ASP A 105 -13.98 6.94 -3.16
C ASP A 105 -13.01 7.89 -2.49
N TYR A 106 -12.86 7.83 -1.16
CA TYR A 106 -11.89 8.67 -0.47
C TYR A 106 -11.30 7.90 0.70
N TRP A 107 -9.97 7.86 0.77
CA TRP A 107 -9.26 7.01 1.70
C TRP A 107 -8.51 7.83 2.74
N GLY A 108 -8.41 7.28 3.95
CA GLY A 108 -7.53 7.84 4.94
C GLY A 108 -6.07 7.53 4.64
N GLN A 109 -5.18 8.25 5.32
CA GLN A 109 -3.75 8.09 5.05
C GLN A 109 -3.21 6.75 5.53
N GLY A 110 -3.94 6.03 6.37
CA GLY A 110 -3.52 4.73 6.82
C GLY A 110 -2.86 4.76 8.19
N THR A 111 -2.92 3.63 8.89
CA THR A 111 -2.32 3.49 10.20
C THR A 111 -1.52 2.19 10.23
N THR A 112 -0.22 2.29 10.47
CA THR A 112 0.63 1.11 10.55
C THR A 112 0.52 0.48 11.94
N VAL A 113 0.18 -0.80 11.97
CA VAL A 113 0.03 -1.55 13.22
C VAL A 113 1.14 -2.59 13.27
N THR A 114 1.93 -2.56 14.33
CA THR A 114 2.99 -3.53 14.56
C THR A 114 2.71 -4.26 15.86
N VAL A 115 2.67 -5.58 15.80
CA VAL A 115 2.39 -6.44 16.96
C VAL A 115 3.54 -7.41 17.10
N SER A 116 4.28 -7.30 18.21
CA SER A 116 5.43 -8.16 18.44
C SER A 116 5.67 -8.27 19.94
N SER A 117 6.38 -9.34 20.32
CA SER A 117 6.79 -9.53 21.70
C SER A 117 8.02 -8.72 22.07
N ALA A 118 8.63 -8.03 21.12
CA ALA A 118 9.81 -7.24 21.38
C ALA A 118 9.43 -5.89 21.98
N SER A 119 10.37 -5.30 22.71
CA SER A 119 10.20 -3.99 23.32
C SER A 119 11.08 -2.97 22.59
N THR A 120 10.97 -1.72 23.00
CA THR A 120 11.74 -0.64 22.38
C THR A 120 13.23 -0.88 22.57
N LYS A 121 13.96 -1.02 21.48
CA LYS A 121 15.39 -1.31 21.52
C LYS A 121 16.12 -0.42 20.52
N GLY A 122 17.23 0.17 20.97
CA GLY A 122 18.07 0.96 20.11
C GLY A 122 18.93 0.09 19.21
N PRO A 123 19.24 0.59 18.02
CA PRO A 123 19.99 -0.21 17.05
C PRO A 123 21.49 -0.16 17.31
N SER A 124 22.17 -1.19 16.82
CA SER A 124 23.62 -1.23 16.74
C SER A 124 24.04 -0.99 15.31
N VAL A 125 24.92 -0.02 15.09
CA VAL A 125 25.34 0.37 13.76
C VAL A 125 26.73 -0.21 13.50
N PHE A 126 26.82 -1.09 12.52
CA PHE A 126 28.09 -1.72 12.17
C PHE A 126 28.54 -1.29 10.78
N PRO A 127 29.85 -1.19 10.55
CA PRO A 127 30.32 -0.77 9.22
C PRO A 127 30.23 -1.89 8.20
N LEU A 128 29.99 -1.49 6.96
CA LEU A 128 30.02 -2.38 5.80
C LEU A 128 31.15 -1.91 4.90
N ALA A 129 32.26 -2.64 4.90
CA ALA A 129 33.44 -2.27 4.13
C ALA A 129 34.10 -3.53 3.60
N PRO A 130 34.70 -3.46 2.41
CA PRO A 130 35.42 -4.62 1.88
C PRO A 130 36.66 -4.92 2.70
N CYS A 131 37.26 -6.08 2.43
CA CYS A 131 38.47 -6.51 3.12
C CYS A 131 39.66 -5.64 2.72
N SER A 138 35.90 0.04 -11.66
CA SER A 138 36.59 0.70 -10.56
C SER A 138 35.59 1.36 -9.62
N THR A 139 34.56 0.61 -9.24
CA THR A 139 33.51 1.10 -8.36
C THR A 139 33.61 0.39 -7.02
N ALA A 140 33.70 1.18 -5.95
CA ALA A 140 33.76 0.66 -4.59
C ALA A 140 32.43 0.89 -3.89
N ALA A 141 32.14 0.04 -2.91
CA ALA A 141 30.89 0.11 -2.17
C ALA A 141 31.17 0.00 -0.68
N LEU A 142 30.49 0.84 0.10
CA LEU A 142 30.54 0.78 1.55
C LEU A 142 29.16 1.11 2.08
N GLY A 143 28.97 0.93 3.39
CA GLY A 143 27.69 1.21 3.98
C GLY A 143 27.67 0.95 5.46
N CYS A 144 26.46 0.97 6.02
CA CYS A 144 26.22 0.73 7.43
C CYS A 144 25.15 -0.35 7.60
N LEU A 145 25.30 -1.17 8.63
CA LEU A 145 24.32 -2.19 8.98
C LEU A 145 23.63 -1.78 10.27
N VAL A 146 22.38 -1.36 10.17
CA VAL A 146 21.58 -0.95 11.33
C VAL A 146 20.79 -2.17 11.77
N LYS A 147 21.27 -2.83 12.82
CA LYS A 147 20.81 -4.16 13.20
C LYS A 147 20.15 -4.16 14.57
N ASP A 148 19.10 -4.96 14.70
CA ASP A 148 18.40 -5.24 15.96
C ASP A 148 17.91 -3.95 16.63
N TYR A 149 16.82 -3.44 16.07
CA TYR A 149 16.11 -2.32 16.66
C TYR A 149 14.62 -2.59 16.60
N PHE A 150 13.88 -1.87 17.45
CA PHE A 150 12.43 -2.02 17.52
C PHE A 150 11.87 -0.79 18.21
N PRO A 151 10.78 -0.20 17.69
CA PRO A 151 10.17 -0.62 16.43
C PRO A 151 10.62 0.24 15.26
N GLU A 152 9.92 0.12 14.14
CA GLU A 152 10.14 1.00 13.01
C GLU A 152 9.70 2.42 13.38
N PRO A 153 10.26 3.46 12.72
CA PRO A 153 11.26 3.40 11.66
C PRO A 153 12.66 3.87 12.08
N VAL A 154 13.57 3.85 11.12
CA VAL A 154 14.93 4.37 11.27
C VAL A 154 15.24 5.21 10.05
N THR A 155 15.78 6.40 10.28
CA THR A 155 16.22 7.28 9.19
C THR A 155 17.74 7.21 9.09
N VAL A 156 18.23 7.10 7.85
CA VAL A 156 19.66 7.00 7.58
C VAL A 156 20.04 8.05 6.53
N SER A 157 21.04 8.85 6.84
CA SER A 157 21.63 9.80 5.89
C SER A 157 23.14 9.61 5.91
N TRP A 158 23.80 10.21 4.92
CA TRP A 158 25.25 10.09 4.77
C TRP A 158 25.88 11.47 4.77
N ASN A 159 26.91 11.65 5.59
CA ASN A 159 27.62 12.92 5.73
C ASN A 159 26.65 14.06 6.04
N SER A 160 25.76 13.80 6.99
CA SER A 160 24.77 14.79 7.45
C SER A 160 23.85 15.23 6.32
N GLY A 161 23.59 14.34 5.36
CA GLY A 161 22.69 14.62 4.26
C GLY A 161 23.33 15.19 3.02
N ALA A 162 24.60 15.60 3.09
CA ALA A 162 25.27 16.18 1.93
C ALA A 162 25.51 15.16 0.82
N LEU A 163 25.57 13.88 1.15
CA LEU A 163 25.81 12.80 0.18
C LEU A 163 24.50 12.05 -0.03
N THR A 164 23.95 12.15 -1.24
CA THR A 164 22.68 11.49 -1.55
C THR A 164 22.80 10.64 -2.81
N SER A 165 23.64 11.05 -3.75
CA SER A 165 23.80 10.32 -5.00
C SER A 165 24.50 8.99 -4.75
N GLY A 166 23.99 7.93 -5.36
CA GLY A 166 24.53 6.61 -5.19
C GLY A 166 24.17 5.95 -3.87
N VAL A 167 23.32 6.57 -3.07
CA VAL A 167 22.94 6.03 -1.77
C VAL A 167 21.71 5.14 -1.94
N HIS A 168 21.76 3.95 -1.34
CA HIS A 168 20.62 3.03 -1.32
C HIS A 168 20.36 2.62 0.12
N THR A 169 19.22 3.04 0.66
CA THR A 169 18.76 2.62 1.97
C THR A 169 17.65 1.59 1.77
N PHE A 170 17.91 0.35 2.16
CA PHE A 170 17.03 -0.76 1.86
C PHE A 170 15.88 -0.84 2.86
N PRO A 171 14.74 -1.41 2.45
CA PRO A 171 13.66 -1.66 3.41
C PRO A 171 14.13 -2.59 4.52
N ALA A 172 13.66 -2.32 5.73
CA ALA A 172 14.04 -3.13 6.87
C ALA A 172 13.38 -4.50 6.80
N VAL A 173 14.10 -5.50 7.31
CA VAL A 173 13.57 -6.86 7.42
C VAL A 173 13.30 -7.14 8.88
N LEU A 174 12.27 -7.94 9.14
CA LEU A 174 11.90 -8.34 10.49
C LEU A 174 12.51 -9.71 10.77
N GLN A 175 13.46 -9.76 11.69
CA GLN A 175 14.13 -10.99 12.03
C GLN A 175 13.22 -11.88 12.88
N SER A 176 13.67 -13.12 13.10
CA SER A 176 12.88 -14.06 13.88
C SER A 176 12.78 -13.67 15.34
N SER A 177 13.68 -12.83 15.84
CA SER A 177 13.66 -12.38 17.22
C SER A 177 12.68 -11.22 17.45
N GLY A 178 11.95 -10.80 16.42
CA GLY A 178 11.06 -9.66 16.55
C GLY A 178 11.72 -8.31 16.36
N LEU A 179 13.04 -8.27 16.15
CA LEU A 179 13.76 -7.04 15.94
C LEU A 179 13.99 -6.80 14.45
N TYR A 180 14.06 -5.53 14.07
CA TYR A 180 14.29 -5.15 12.69
C TYR A 180 15.79 -5.00 12.41
N SER A 181 16.14 -5.09 11.13
CA SER A 181 17.51 -4.93 10.68
C SER A 181 17.50 -4.22 9.33
N LEU A 182 18.36 -3.22 9.18
CA LEU A 182 18.38 -2.38 8.00
C LEU A 182 19.83 -2.17 7.56
N SER A 183 20.01 -2.05 6.25
CA SER A 183 21.32 -1.74 5.68
C SER A 183 21.17 -0.56 4.72
N SER A 184 22.17 0.32 4.72
CA SER A 184 22.23 1.45 3.81
C SER A 184 23.63 1.51 3.21
N VAL A 185 23.70 1.53 1.88
CA VAL A 185 24.97 1.48 1.17
C VAL A 185 25.10 2.70 0.28
N VAL A 186 26.34 2.96 -0.15
CA VAL A 186 26.65 4.00 -1.12
C VAL A 186 27.80 3.52 -1.99
N THR A 187 27.68 3.75 -3.29
CA THR A 187 28.72 3.39 -4.25
C THR A 187 29.50 4.64 -4.64
N VAL A 188 30.82 4.58 -4.49
CA VAL A 188 31.70 5.71 -4.79
C VAL A 188 32.79 5.22 -5.72
N PRO A 189 33.44 6.14 -6.44
CA PRO A 189 34.62 5.75 -7.23
C PRO A 189 35.70 5.19 -6.33
N SER A 190 36.35 4.11 -6.80
CA SER A 190 37.42 3.50 -6.03
C SER A 190 38.58 4.47 -5.80
N SER A 191 38.75 5.45 -6.68
CA SER A 191 39.81 6.44 -6.53
C SER A 191 39.55 7.39 -5.37
N SER A 192 38.29 7.58 -4.97
CA SER A 192 37.96 8.51 -3.91
C SER A 192 38.27 7.97 -2.52
N LEU A 193 38.54 6.67 -2.39
CA LEU A 193 38.85 6.08 -1.10
C LEU A 193 40.19 6.57 -0.56
N LYS A 196 37.32 12.64 1.92
CA LYS A 196 37.19 11.25 1.50
C LYS A 196 36.65 10.39 2.63
N THR A 197 35.91 11.01 3.54
CA THR A 197 35.32 10.33 4.68
C THR A 197 33.82 10.15 4.46
N TYR A 198 33.32 8.96 4.81
CA TYR A 198 31.91 8.62 4.64
C TYR A 198 31.34 8.18 5.99
N THR A 199 30.35 8.94 6.47
CA THR A 199 29.73 8.68 7.77
C THR A 199 28.23 8.58 7.59
N CYS A 200 27.64 7.48 8.04
CA CYS A 200 26.19 7.34 8.04
C CYS A 200 25.62 7.88 9.34
N ASN A 201 24.48 8.57 9.24
CA ASN A 201 23.81 9.18 10.39
C ASN A 201 22.52 8.42 10.63
N VAL A 202 22.51 7.63 11.71
CA VAL A 202 21.37 6.77 12.03
C VAL A 202 20.58 7.42 13.17
N ASP A 203 19.26 7.50 12.99
CA ASP A 203 18.37 8.09 13.98
C ASP A 203 17.20 7.15 14.20
N HIS A 204 17.01 6.73 15.45
CA HIS A 204 15.90 5.86 15.84
C HIS A 204 15.12 6.59 16.93
N LYS A 205 14.03 7.26 16.52
CA LYS A 205 13.29 8.11 17.44
C LYS A 205 12.71 7.37 18.64
N PRO A 206 12.03 6.23 18.49
CA PRO A 206 11.40 5.60 19.67
C PRO A 206 12.39 5.21 20.76
N SER A 207 13.64 4.95 20.42
CA SER A 207 14.66 4.65 21.41
C SER A 207 15.53 5.85 21.76
N ASN A 208 15.27 7.01 21.14
CA ASN A 208 16.08 8.22 21.33
C ASN A 208 17.55 7.93 21.04
N THR A 209 17.80 7.18 19.98
CA THR A 209 19.14 6.74 19.60
C THR A 209 19.58 7.51 18.35
N LYS A 210 20.71 8.20 18.46
CA LYS A 210 21.32 8.91 17.33
C LYS A 210 22.78 8.50 17.26
N VAL A 211 23.19 7.94 16.13
CA VAL A 211 24.53 7.38 15.96
C VAL A 211 25.10 7.87 14.64
N ASP A 212 26.36 8.31 14.67
CA ASP A 212 27.13 8.62 13.46
C ASP A 212 28.29 7.63 13.38
N LYS A 213 28.31 6.83 12.32
CA LYS A 213 29.29 5.76 12.16
C LYS A 213 30.18 6.08 10.96
N ARG A 214 31.46 6.28 11.23
CA ARG A 214 32.45 6.41 10.16
C ARG A 214 32.77 5.03 9.59
N VAL A 215 32.64 4.89 8.27
CA VAL A 215 32.89 3.63 7.59
C VAL A 215 34.27 3.71 6.95
N GLU A 216 35.21 2.92 7.46
CA GLU A 216 36.59 2.91 6.97
C GLU A 216 36.81 1.72 6.06
N SER A 217 37.35 1.98 4.87
CA SER A 217 37.65 0.93 3.91
C SER A 217 38.96 0.22 4.23
N ILE B 2 -17.52 -16.46 -8.39
CA ILE B 2 -17.08 -15.20 -7.81
C ILE B 2 -15.57 -15.25 -7.57
N GLN B 3 -14.83 -15.51 -8.66
CA GLN B 3 -13.38 -15.63 -8.59
C GLN B 3 -12.79 -14.78 -9.72
N MET B 4 -12.09 -13.71 -9.36
CA MET B 4 -11.48 -12.81 -10.33
C MET B 4 -9.97 -13.02 -10.36
N THR B 5 -9.39 -12.85 -11.55
CA THR B 5 -7.97 -13.01 -11.75
C THR B 5 -7.43 -11.76 -12.44
N GLN B 6 -6.54 -11.03 -11.77
CA GLN B 6 -5.93 -9.84 -12.33
C GLN B 6 -4.64 -10.21 -13.03
N SER B 7 -4.52 -9.82 -14.29
CA SER B 7 -3.34 -10.15 -15.10
C SER B 7 -2.93 -8.91 -15.89
N PRO B 8 -1.63 -8.71 -16.11
CA PRO B 8 -0.57 -9.56 -15.55
C PRO B 8 -0.13 -9.11 -14.16
N SER B 9 0.77 -9.88 -13.53
CA SER B 9 1.23 -9.52 -12.20
C SER B 9 2.06 -8.24 -12.22
N SER B 10 2.84 -8.04 -13.28
CA SER B 10 3.65 -6.84 -13.41
C SER B 10 3.75 -6.46 -14.88
N VAL B 11 3.77 -5.15 -15.14
CA VAL B 11 3.91 -4.61 -16.48
C VAL B 11 5.11 -3.68 -16.52
N SER B 12 5.92 -3.80 -17.56
CA SER B 12 7.03 -2.89 -17.82
C SER B 12 6.74 -2.12 -19.10
N ALA B 13 6.81 -0.80 -19.02
CA ALA B 13 6.51 0.05 -20.17
C ALA B 13 7.26 1.36 -20.03
N SER B 14 7.26 2.13 -21.12
CA SER B 14 7.94 3.41 -21.19
C SER B 14 6.92 4.55 -21.19
N VAL B 15 7.42 5.76 -20.94
CA VAL B 15 6.56 6.94 -20.96
C VAL B 15 6.04 7.15 -22.37
N GLY B 16 4.71 7.15 -22.51
CA GLY B 16 4.06 7.31 -23.79
C GLY B 16 3.41 6.06 -24.32
N ASP B 17 3.68 4.90 -23.74
CA ASP B 17 3.10 3.65 -24.20
C ASP B 17 1.65 3.53 -23.72
N ARG B 18 0.95 2.56 -24.31
CA ARG B 18 -0.40 2.20 -23.89
C ARG B 18 -0.34 0.87 -23.13
N VAL B 19 -0.90 0.85 -21.93
CA VAL B 19 -0.89 -0.32 -21.06
C VAL B 19 -2.32 -0.75 -20.79
N THR B 20 -2.57 -2.06 -20.88
CA THR B 20 -3.88 -2.63 -20.62
C THR B 20 -3.76 -3.67 -19.50
N ILE B 21 -4.50 -3.45 -18.43
CA ILE B 21 -4.57 -4.38 -17.30
C ILE B 21 -5.94 -5.03 -17.29
N THR B 22 -5.98 -6.34 -17.09
CA THR B 22 -7.19 -7.12 -17.25
C THR B 22 -7.58 -7.78 -15.92
N CYS B 23 -8.88 -7.82 -15.66
CA CYS B 23 -9.45 -8.61 -14.57
C CYS B 23 -10.59 -9.43 -15.13
N SER B 24 -10.43 -10.76 -15.12
CA SER B 24 -11.40 -11.68 -15.68
C SER B 24 -12.00 -12.53 -14.58
N ALA B 25 -13.31 -12.76 -14.66
CA ALA B 25 -14.03 -13.57 -13.69
C ALA B 25 -14.19 -15.01 -14.21
N SER B 26 -14.66 -15.88 -13.32
CA SER B 26 -14.87 -17.28 -13.67
C SER B 26 -16.23 -17.56 -14.27
N GLN B 27 -17.24 -16.78 -13.90
CA GLN B 27 -18.60 -16.97 -14.41
C GLN B 27 -19.32 -15.64 -14.58
N ASP B 32 -20.62 -4.39 -11.97
CA ASP B 32 -19.63 -3.40 -12.36
C ASP B 32 -18.33 -3.59 -11.60
N LEU B 33 -17.25 -3.01 -12.12
CA LEU B 33 -15.92 -3.16 -11.53
C LEU B 33 -15.35 -1.79 -11.21
N ASN B 34 -14.57 -1.73 -10.13
CA ASN B 34 -13.84 -0.53 -9.74
C ASN B 34 -12.34 -0.75 -9.91
N TRP B 35 -11.62 0.33 -10.18
CA TRP B 35 -10.17 0.29 -10.33
C TRP B 35 -9.54 1.30 -9.37
N TYR B 36 -8.43 0.90 -8.76
CA TYR B 36 -7.73 1.73 -7.79
C TYR B 36 -6.26 1.83 -8.15
N GLN B 37 -5.64 2.92 -7.73
CA GLN B 37 -4.20 3.16 -7.92
C GLN B 37 -3.56 3.42 -6.57
N GLN B 38 -2.41 2.79 -6.33
CA GLN B 38 -1.68 2.98 -5.08
C GLN B 38 -0.20 3.08 -5.37
N LYS B 39 0.43 4.13 -4.84
CA LYS B 39 1.87 4.33 -4.91
C LYS B 39 2.54 3.83 -3.65
N PRO B 40 3.83 3.49 -3.71
CA PRO B 40 4.50 2.92 -2.54
C PRO B 40 4.43 3.84 -1.32
N GLY B 41 3.92 3.30 -0.22
CA GLY B 41 3.82 4.04 1.02
C GLY B 41 2.71 5.05 1.09
N LYS B 42 1.77 5.03 0.15
CA LYS B 42 0.68 6.00 0.12
C LYS B 42 -0.65 5.27 0.04
N ALA B 43 -1.71 5.99 0.39
CA ALA B 43 -3.05 5.41 0.38
C ALA B 43 -3.54 5.23 -1.05
N PRO B 44 -4.36 4.22 -1.31
CA PRO B 44 -4.91 4.03 -2.66
C PRO B 44 -5.86 5.15 -3.04
N LYS B 45 -6.04 5.32 -4.34
CA LYS B 45 -6.98 6.30 -4.89
C LYS B 45 -7.93 5.59 -5.85
N LEU B 46 -9.19 6.01 -5.82
CA LEU B 46 -10.17 5.49 -6.75
C LEU B 46 -9.96 6.10 -8.13
N LEU B 47 -9.85 5.23 -9.15
CA LEU B 47 -9.69 5.67 -10.53
C LEU B 47 -10.99 5.54 -11.32
N ILE B 48 -11.51 4.32 -11.43
CA ILE B 48 -12.67 4.03 -12.26
C ILE B 48 -13.75 3.40 -11.37
N TYR B 49 -14.98 3.83 -11.57
CA TYR B 49 -16.14 3.17 -10.97
C TYR B 49 -17.16 2.90 -12.06
N HIS B 50 -18.06 1.97 -11.79
CA HIS B 50 -19.07 1.54 -12.76
C HIS B 50 -18.42 1.09 -14.07
N THR B 51 -17.28 0.40 -13.94
CA THR B 51 -16.53 -0.20 -15.04
C THR B 51 -15.87 0.84 -15.94
N SER B 52 -16.54 1.97 -16.23
CA SER B 52 -16.01 2.89 -17.22
C SER B 52 -16.17 4.37 -16.85
N SER B 53 -16.57 4.69 -15.62
CA SER B 53 -16.72 6.08 -15.20
C SER B 53 -15.48 6.55 -14.45
N LEU B 54 -14.94 7.69 -14.86
CA LEU B 54 -13.75 8.23 -14.22
C LEU B 54 -14.12 9.01 -12.96
N HIS B 55 -13.34 8.79 -11.91
CA HIS B 55 -13.57 9.49 -10.66
C HIS B 55 -13.10 10.94 -10.78
N SER B 56 -13.58 11.77 -9.85
CA SER B 56 -13.26 13.20 -9.85
C SER B 56 -11.75 13.41 -9.79
N GLY B 57 -11.21 14.10 -10.78
CA GLY B 57 -9.80 14.43 -10.83
C GLY B 57 -8.94 13.45 -11.61
N VAL B 58 -9.50 12.34 -12.07
CA VAL B 58 -8.71 11.34 -12.81
C VAL B 58 -8.57 11.82 -14.25
N PRO B 59 -7.36 11.86 -14.80
CA PRO B 59 -7.19 12.31 -16.19
C PRO B 59 -7.80 11.33 -17.18
N SER B 60 -8.14 11.86 -18.36
CA SER B 60 -8.86 11.10 -19.36
C SER B 60 -8.02 10.02 -20.02
N ARG B 61 -6.71 9.96 -19.76
CA ARG B 61 -5.90 8.88 -20.31
C ARG B 61 -6.19 7.55 -19.63
N PHE B 62 -6.85 7.56 -18.48
CA PHE B 62 -7.35 6.35 -17.84
C PHE B 62 -8.74 6.05 -18.36
N SER B 63 -8.95 4.80 -18.80
CA SER B 63 -10.25 4.38 -19.30
C SER B 63 -10.47 2.92 -18.98
N GLY B 64 -11.71 2.56 -18.72
CA GLY B 64 -12.07 1.19 -18.43
C GLY B 64 -13.18 0.71 -19.33
N SER B 65 -13.23 -0.60 -19.52
CA SER B 65 -14.27 -1.23 -20.32
C SER B 65 -14.55 -2.61 -19.77
N GLY B 66 -15.74 -3.13 -20.07
CA GLY B 66 -16.13 -4.44 -19.60
C GLY B 66 -17.11 -5.14 -20.51
N SER B 67 -16.85 -6.42 -20.79
CA SER B 67 -17.70 -7.24 -21.65
C SER B 67 -17.94 -8.57 -20.92
N GLY B 68 -19.02 -8.63 -20.14
CA GLY B 68 -19.37 -9.84 -19.44
C GLY B 68 -18.44 -10.19 -18.30
N THR B 69 -17.56 -11.17 -18.52
CA THR B 69 -16.66 -11.66 -17.49
C THR B 69 -15.27 -11.05 -17.58
N ASP B 70 -14.98 -10.23 -18.59
CA ASP B 70 -13.67 -9.63 -18.76
C ASP B 70 -13.77 -8.12 -18.65
N PHE B 71 -12.84 -7.53 -17.90
CA PHE B 71 -12.77 -6.10 -17.68
C PHE B 71 -11.33 -5.64 -17.84
N THR B 72 -11.13 -4.50 -18.49
CA THR B 72 -9.79 -4.01 -18.81
C THR B 72 -9.65 -2.55 -18.39
N LEU B 73 -8.51 -2.23 -17.79
CA LEU B 73 -8.11 -0.85 -17.51
C LEU B 73 -7.00 -0.47 -18.48
N THR B 74 -7.20 0.65 -19.18
CA THR B 74 -6.27 1.10 -20.20
C THR B 74 -5.72 2.48 -19.85
N ILE B 75 -4.41 2.63 -19.99
CA ILE B 75 -3.74 3.92 -19.85
C ILE B 75 -3.13 4.24 -21.20
N SER B 76 -3.70 5.23 -21.90
CA SER B 76 -3.37 5.46 -23.30
C SER B 76 -1.91 5.90 -23.47
N SER B 77 -1.52 6.98 -22.80
CA SER B 77 -0.16 7.51 -22.90
C SER B 77 0.40 7.65 -21.49
N LEU B 78 1.38 6.81 -21.15
CA LEU B 78 1.91 6.77 -19.81
C LEU B 78 2.66 8.06 -19.48
N GLN B 79 2.39 8.60 -18.29
CA GLN B 79 3.09 9.72 -17.72
C GLN B 79 3.96 9.24 -16.56
N PRO B 80 4.98 10.03 -16.16
CA PRO B 80 5.85 9.58 -15.06
C PRO B 80 5.09 9.28 -13.77
N GLU B 81 3.94 9.92 -13.55
CA GLU B 81 3.19 9.72 -12.32
C GLU B 81 2.34 8.44 -12.33
N ASP B 82 2.26 7.74 -13.46
CA ASP B 82 1.37 6.60 -13.58
C ASP B 82 2.00 5.29 -13.13
N PHE B 83 3.32 5.25 -12.93
CA PHE B 83 3.98 4.03 -12.51
C PHE B 83 3.65 3.75 -11.04
N ALA B 84 2.82 2.74 -10.82
CA ALA B 84 2.36 2.37 -9.48
C ALA B 84 1.70 1.00 -9.58
N THR B 85 1.01 0.60 -8.51
CA THR B 85 0.27 -0.65 -8.49
C THR B 85 -1.22 -0.37 -8.63
N TYR B 86 -1.89 -1.16 -9.47
CA TYR B 86 -3.30 -0.99 -9.76
C TYR B 86 -4.09 -2.21 -9.33
N TYR B 87 -5.23 -1.97 -8.68
CA TYR B 87 -6.10 -3.03 -8.19
C TYR B 87 -7.49 -2.87 -8.78
N CYS B 88 -8.07 -3.98 -9.21
CA CYS B 88 -9.49 -4.02 -9.56
C CYS B 88 -10.29 -4.56 -8.39
N GLN B 89 -11.54 -4.12 -8.28
CA GLN B 89 -12.36 -4.47 -7.14
C GLN B 89 -13.80 -4.65 -7.58
N TYR B 90 -14.41 -5.76 -7.17
CA TYR B 90 -15.78 -6.09 -7.52
C TYR B 90 -16.59 -6.32 -6.24
N TYR B 91 -17.92 -6.37 -6.42
CA TYR B 91 -18.83 -6.55 -5.29
C TYR B 91 -19.87 -7.61 -5.61
N LEU B 95 -20.19 -7.89 0.09
CA LEU B 95 -18.80 -8.36 0.08
C LEU B 95 -18.01 -7.72 -1.06
N LEU B 96 -16.95 -7.00 -0.70
CA LEU B 96 -16.04 -6.40 -1.65
C LEU B 96 -14.75 -7.21 -1.70
N THR B 97 -14.15 -7.28 -2.89
CA THR B 97 -12.96 -8.09 -3.09
C THR B 97 -12.04 -7.42 -4.09
N PHE B 98 -10.77 -7.24 -3.70
CA PHE B 98 -9.76 -6.69 -4.58
C PHE B 98 -9.12 -7.81 -5.40
N GLY B 99 -8.63 -7.44 -6.58
CA GLY B 99 -7.87 -8.37 -7.40
C GLY B 99 -6.48 -8.58 -6.86
N GLY B 100 -5.69 -9.38 -7.59
CA GLY B 100 -4.34 -9.66 -7.20
C GLY B 100 -3.41 -8.47 -7.28
N GLY B 101 -3.74 -7.48 -8.09
CA GLY B 101 -2.89 -6.31 -8.23
C GLY B 101 -1.93 -6.42 -9.39
N THR B 102 -1.59 -5.28 -9.97
CA THR B 102 -0.68 -5.22 -11.11
C THR B 102 0.28 -4.06 -10.88
N LYS B 103 1.57 -4.37 -10.78
CA LYS B 103 2.59 -3.36 -10.60
C LYS B 103 3.08 -2.90 -11.97
N LEU B 104 3.03 -1.59 -12.22
CA LEU B 104 3.48 -1.01 -13.49
C LEU B 104 4.84 -0.38 -13.26
N GLU B 105 5.88 -0.98 -13.84
CA GLU B 105 7.26 -0.52 -13.67
C GLU B 105 7.75 0.13 -14.95
N ILE B 106 8.89 0.81 -14.82
CA ILE B 106 9.51 1.49 -15.95
C ILE B 106 10.38 0.50 -16.72
N LYS B 107 10.24 0.47 -18.03
CA LYS B 107 11.06 -0.38 -18.88
C LYS B 107 12.42 0.28 -19.11
N ARG B 108 13.46 -0.55 -19.18
CA ARG B 108 14.79 -0.09 -19.54
C ARG B 108 15.58 -1.28 -20.06
N THR B 109 16.82 -1.02 -20.46
CA THR B 109 17.68 -2.10 -20.95
C THR B 109 18.09 -3.01 -19.80
N VAL B 110 18.46 -4.24 -20.16
CA VAL B 110 18.94 -5.18 -19.17
C VAL B 110 20.26 -4.68 -18.58
N ALA B 111 20.35 -4.71 -17.26
CA ALA B 111 21.54 -4.26 -16.54
C ALA B 111 21.95 -5.33 -15.55
N ALA B 112 23.18 -5.83 -15.69
CA ALA B 112 23.68 -6.82 -14.75
C ALA B 112 24.01 -6.16 -13.42
N PRO B 113 23.86 -6.88 -12.31
CA PRO B 113 24.17 -6.30 -10.99
C PRO B 113 25.66 -6.26 -10.72
N SER B 114 26.08 -5.20 -10.05
CA SER B 114 27.43 -5.13 -9.49
C SER B 114 27.38 -5.71 -8.09
N VAL B 115 28.14 -6.79 -7.86
CA VAL B 115 28.04 -7.57 -6.64
C VAL B 115 29.17 -7.20 -5.71
N PHE B 116 28.85 -6.94 -4.45
CA PHE B 116 29.82 -6.70 -3.39
C PHE B 116 29.47 -7.59 -2.20
N ILE B 117 30.50 -7.95 -1.44
CA ILE B 117 30.32 -8.72 -0.21
C ILE B 117 31.07 -8.02 0.91
N PHE B 118 30.47 -8.03 2.10
CA PHE B 118 31.04 -7.34 3.26
C PHE B 118 31.21 -8.33 4.40
N PRO B 119 32.41 -8.46 4.96
CA PRO B 119 32.59 -9.36 6.11
C PRO B 119 32.01 -8.74 7.38
N PRO B 120 31.81 -9.53 8.43
CA PRO B 120 31.36 -8.96 9.70
C PRO B 120 32.42 -8.07 10.31
N SER B 121 31.96 -7.06 11.05
CA SER B 121 32.88 -6.13 11.70
C SER B 121 33.38 -6.71 13.02
N ASP B 122 34.56 -6.23 13.44
CA ASP B 122 35.11 -6.68 14.72
C ASP B 122 34.22 -6.27 15.89
N GLU B 123 33.50 -5.16 15.76
CA GLU B 123 32.62 -4.72 16.83
C GLU B 123 31.43 -5.67 16.99
N GLN B 124 30.86 -6.13 15.88
CA GLN B 124 29.75 -7.08 15.98
C GLN B 124 30.22 -8.45 16.45
N LEU B 125 31.41 -8.88 15.99
CA LEU B 125 31.94 -10.17 16.41
C LEU B 125 32.17 -10.21 17.92
N LYS B 126 32.55 -9.09 18.51
CA LYS B 126 32.77 -9.05 19.96
C LYS B 126 31.47 -9.21 20.75
N SER B 127 30.33 -8.91 20.12
CA SER B 127 29.04 -9.09 20.78
C SER B 127 28.53 -10.53 20.70
N GLY B 128 29.09 -11.35 19.81
CA GLY B 128 28.72 -12.74 19.69
C GLY B 128 27.97 -13.12 18.43
N THR B 129 27.84 -12.20 17.47
CA THR B 129 27.09 -12.45 16.25
C THR B 129 27.91 -12.00 15.05
N ALA B 130 27.77 -12.72 13.94
CA ALA B 130 28.46 -12.40 12.69
C ALA B 130 27.42 -12.26 11.59
N SER B 131 27.34 -11.07 11.00
CA SER B 131 26.44 -10.80 9.88
C SER B 131 27.28 -10.55 8.64
N VAL B 132 26.96 -11.26 7.56
CA VAL B 132 27.64 -11.12 6.28
C VAL B 132 26.63 -10.56 5.28
N VAL B 133 27.01 -9.49 4.58
CA VAL B 133 26.10 -8.77 3.70
C VAL B 133 26.60 -8.90 2.26
N CYS B 134 25.67 -9.16 1.35
CA CYS B 134 25.94 -9.26 -0.08
C CYS B 134 25.10 -8.21 -0.79
N LEU B 135 25.76 -7.30 -1.52
CA LEU B 135 25.08 -6.20 -2.19
C LEU B 135 24.99 -6.47 -3.68
N LEU B 136 23.78 -6.34 -4.23
CA LEU B 136 23.53 -6.40 -5.67
C LEU B 136 23.06 -5.02 -6.09
N ASN B 137 23.90 -4.31 -6.83
CA ASN B 137 23.70 -2.88 -7.07
C ASN B 137 23.28 -2.62 -8.51
N ASN B 138 22.17 -1.91 -8.68
CA ASN B 138 21.74 -1.33 -9.95
C ASN B 138 21.65 -2.40 -11.05
N PHE B 139 20.60 -3.21 -10.94
CA PHE B 139 20.32 -4.23 -11.93
C PHE B 139 18.89 -4.11 -12.43
N TYR B 140 18.64 -4.73 -13.58
CA TYR B 140 17.32 -4.80 -14.19
C TYR B 140 17.32 -5.95 -15.17
N PRO B 141 16.27 -6.79 -15.22
CA PRO B 141 15.03 -6.68 -14.45
C PRO B 141 15.15 -7.06 -12.98
N ARG B 142 14.04 -7.02 -12.23
CA ARG B 142 14.11 -7.21 -10.78
C ARG B 142 14.40 -8.65 -10.40
N GLU B 143 14.16 -9.60 -11.30
CA GLU B 143 14.39 -11.01 -10.99
C GLU B 143 15.87 -11.28 -10.74
N ALA B 144 16.20 -11.65 -9.51
CA ALA B 144 17.57 -11.98 -9.13
C ALA B 144 17.54 -12.99 -8.00
N LYS B 145 18.63 -13.75 -7.88
CA LYS B 145 18.70 -14.85 -6.93
C LYS B 145 20.08 -14.84 -6.27
N VAL B 146 20.09 -14.91 -4.95
CA VAL B 146 21.31 -14.92 -4.15
C VAL B 146 21.40 -16.23 -3.38
N GLN B 147 22.54 -16.89 -3.46
CA GLN B 147 22.78 -18.13 -2.72
C GLN B 147 24.03 -17.97 -1.87
N TRP B 148 23.88 -18.17 -0.56
CA TRP B 148 25.00 -18.10 0.35
C TRP B 148 25.68 -19.47 0.46
N LYS B 149 27.01 -19.46 0.47
CA LYS B 149 27.78 -20.69 0.58
C LYS B 149 28.89 -20.48 1.61
N VAL B 150 28.99 -21.41 2.56
CA VAL B 150 30.01 -21.36 3.61
C VAL B 150 30.79 -22.67 3.53
N ASP B 151 32.03 -22.58 3.05
CA ASP B 151 32.84 -23.76 2.74
C ASP B 151 32.08 -24.72 1.83
N ASN B 152 31.56 -24.16 0.73
CA ASN B 152 30.81 -24.87 -0.30
C ASN B 152 29.50 -25.46 0.20
N ALA B 153 29.06 -25.10 1.41
CA ALA B 153 27.80 -25.58 1.95
C ALA B 153 26.73 -24.52 1.71
N LEU B 154 25.71 -24.88 0.94
CA LEU B 154 24.64 -23.94 0.64
C LEU B 154 23.83 -23.64 1.89
N GLN B 155 23.63 -22.35 2.16
CA GLN B 155 22.90 -21.90 3.34
C GLN B 155 21.46 -21.60 2.98
N SER B 156 20.55 -21.96 3.89
CA SER B 156 19.13 -21.71 3.69
C SER B 156 18.46 -21.53 5.04
N GLY B 157 17.57 -20.54 5.12
CA GLY B 157 16.84 -20.25 6.33
C GLY B 157 17.55 -19.33 7.30
N ASN B 158 18.81 -18.99 7.05
CA ASN B 158 19.58 -18.12 7.94
C ASN B 158 19.96 -16.81 7.26
N SER B 159 19.22 -16.40 6.23
CA SER B 159 19.50 -15.16 5.52
C SER B 159 18.19 -14.45 5.19
N GLN B 160 18.27 -13.13 5.12
CA GLN B 160 17.13 -12.30 4.75
C GLN B 160 17.60 -11.24 3.76
N GLU B 161 16.70 -10.84 2.87
CA GLU B 161 17.02 -9.88 1.84
C GLU B 161 15.87 -8.90 1.66
N SER B 162 16.18 -7.77 1.03
CA SER B 162 15.18 -6.77 0.70
C SER B 162 15.63 -6.02 -0.55
N VAL B 163 14.66 -5.55 -1.33
CA VAL B 163 14.91 -4.88 -2.60
C VAL B 163 14.34 -3.47 -2.53
N THR B 164 15.12 -2.50 -3.00
CA THR B 164 14.65 -1.12 -3.06
C THR B 164 13.62 -0.97 -4.17
N GLU B 165 12.89 0.16 -4.13
CA GLU B 165 12.01 0.51 -5.21
C GLU B 165 12.82 0.85 -6.46
N GLN B 166 12.15 0.82 -7.61
CA GLN B 166 12.82 1.14 -8.86
C GLN B 166 13.35 2.56 -8.81
N ASP B 167 14.63 2.72 -9.14
CA ASP B 167 15.30 4.00 -8.98
C ASP B 167 14.68 5.07 -9.88
N SER B 168 14.72 6.32 -9.39
CA SER B 168 14.11 7.43 -10.12
C SER B 168 15.01 7.97 -11.22
N LYS B 169 16.30 7.64 -11.22
CA LYS B 169 17.23 8.14 -12.21
C LYS B 169 17.52 7.14 -13.32
N ASP B 170 17.96 5.93 -12.98
CA ASP B 170 18.31 4.92 -13.97
C ASP B 170 17.34 3.75 -14.03
N SER B 171 16.26 3.79 -13.25
CA SER B 171 15.19 2.78 -13.31
C SER B 171 15.69 1.37 -12.98
N THR B 172 16.71 1.28 -12.14
CA THR B 172 17.27 0.00 -11.74
C THR B 172 16.83 -0.36 -10.32
N TYR B 173 17.06 -1.62 -9.97
CA TYR B 173 16.79 -2.13 -8.63
C TYR B 173 18.11 -2.48 -7.95
N SER B 174 18.07 -2.50 -6.62
CA SER B 174 19.21 -2.92 -5.81
C SER B 174 18.73 -3.90 -4.75
N LEU B 175 19.55 -4.91 -4.47
CA LEU B 175 19.21 -5.95 -3.51
C LEU B 175 20.32 -6.07 -2.48
N SER B 176 19.92 -6.29 -1.23
CA SER B 176 20.85 -6.48 -0.11
C SER B 176 20.40 -7.71 0.66
N SER B 177 21.30 -8.69 0.77
CA SER B 177 21.04 -9.92 1.51
C SER B 177 21.99 -9.99 2.71
N THR B 178 21.47 -10.44 3.84
CA THR B 178 22.24 -10.51 5.08
C THR B 178 22.24 -11.95 5.59
N LEU B 179 23.43 -12.54 5.64
CA LEU B 179 23.63 -13.85 6.25
C LEU B 179 24.13 -13.66 7.67
N THR B 180 23.43 -14.26 8.63
CA THR B 180 23.71 -14.07 10.05
C THR B 180 24.01 -15.43 10.69
N LEU B 181 25.19 -15.54 11.30
CA LEU B 181 25.58 -16.71 12.05
C LEU B 181 26.02 -16.30 13.45
N SER B 182 26.05 -17.27 14.36
CA SER B 182 26.64 -17.02 15.65
C SER B 182 28.15 -16.87 15.52
N LYS B 183 28.76 -16.22 16.51
CA LYS B 183 30.21 -16.05 16.49
C LYS B 183 30.93 -17.39 16.50
N ALA B 184 30.41 -18.36 17.24
CA ALA B 184 31.05 -19.67 17.33
C ALA B 184 31.09 -20.36 15.97
N ASP B 185 29.94 -20.42 15.29
CA ASP B 185 29.90 -21.09 13.99
C ASP B 185 30.69 -20.31 12.93
N TYR B 186 30.75 -18.98 13.06
CA TYR B 186 31.49 -18.18 12.09
C TYR B 186 32.99 -18.48 12.15
N GLU B 187 33.52 -18.67 13.36
CA GLU B 187 34.95 -18.92 13.53
C GLU B 187 35.37 -20.32 13.12
N LYS B 188 34.42 -21.23 12.90
CA LYS B 188 34.73 -22.61 12.52
C LYS B 188 34.75 -22.82 11.01
N HIS B 189 34.65 -21.74 10.23
CA HIS B 189 34.65 -21.84 8.78
C HIS B 189 35.53 -20.74 8.21
N LYS B 190 35.93 -20.92 6.95
CA LYS B 190 36.91 -20.04 6.30
C LYS B 190 36.34 -19.27 5.13
N VAL B 191 35.66 -19.93 4.20
CA VAL B 191 35.23 -19.32 2.95
C VAL B 191 33.76 -18.94 3.05
N TYR B 192 33.46 -17.66 2.86
CA TYR B 192 32.10 -17.13 2.84
C TYR B 192 31.88 -16.45 1.50
N ALA B 193 30.81 -16.86 0.80
CA ALA B 193 30.57 -16.39 -0.55
C ALA B 193 29.08 -16.28 -0.80
N CYS B 194 28.71 -15.32 -1.64
CA CYS B 194 27.36 -15.21 -2.19
C CYS B 194 27.44 -15.33 -3.71
N GLU B 195 26.65 -16.23 -4.26
CA GLU B 195 26.59 -16.45 -5.70
C GLU B 195 25.32 -15.82 -6.26
N VAL B 196 25.47 -15.03 -7.31
CA VAL B 196 24.38 -14.24 -7.87
C VAL B 196 24.09 -14.72 -9.29
N THR B 197 22.81 -14.97 -9.56
CA THR B 197 22.35 -15.32 -10.90
C THR B 197 21.40 -14.24 -11.39
N HIS B 198 21.62 -13.77 -12.61
CA HIS B 198 20.81 -12.71 -13.20
C HIS B 198 20.93 -12.82 -14.71
N GLN B 199 19.84 -12.56 -15.42
CA GLN B 199 19.86 -12.72 -16.88
C GLN B 199 20.81 -11.73 -17.56
N GLY B 200 21.23 -10.68 -16.86
CA GLY B 200 22.27 -9.81 -17.37
C GLY B 200 23.67 -10.36 -17.27
N LEU B 201 23.86 -11.43 -16.51
CA LEU B 201 25.16 -12.05 -16.32
C LEU B 201 25.29 -13.27 -17.23
N SER B 202 26.51 -13.48 -17.75
CA SER B 202 26.75 -14.65 -18.60
C SER B 202 26.68 -15.94 -17.79
N SER B 203 27.09 -15.90 -16.53
CA SER B 203 27.12 -17.08 -15.68
C SER B 203 26.97 -16.61 -14.23
N PRO B 204 26.67 -17.53 -13.31
CA PRO B 204 26.61 -17.14 -11.90
C PRO B 204 27.91 -16.50 -11.44
N VAL B 205 27.79 -15.33 -10.83
CA VAL B 205 28.92 -14.56 -10.32
C VAL B 205 29.04 -14.79 -8.83
N THR B 206 30.25 -15.04 -8.36
CA THR B 206 30.52 -15.32 -6.96
C THR B 206 31.54 -14.32 -6.41
N LYS B 207 31.20 -13.69 -5.29
CA LYS B 207 32.12 -12.85 -4.54
C LYS B 207 32.32 -13.47 -3.17
N SER B 208 33.58 -13.56 -2.73
CA SER B 208 33.91 -14.29 -1.52
C SER B 208 35.02 -13.59 -0.76
N PHE B 209 35.24 -14.03 0.47
CA PHE B 209 36.36 -13.60 1.29
C PHE B 209 36.74 -14.74 2.21
N ASN B 210 37.95 -14.65 2.77
CA ASN B 210 38.46 -15.64 3.70
C ASN B 210 38.52 -15.03 5.10
N ARG B 211 37.95 -15.75 6.07
CA ARG B 211 37.99 -15.30 7.46
C ARG B 211 39.39 -15.42 8.04
N ASN C 1 -15.35 16.35 -12.93
CA ASN C 1 -16.02 16.46 -11.64
C ASN C 1 -17.47 16.01 -11.73
N PRO C 2 -17.70 14.71 -11.55
CA PRO C 2 -19.07 14.19 -11.61
C PRO C 2 -19.86 14.60 -10.37
N PRO C 3 -21.18 14.58 -10.44
CA PRO C 3 -21.99 14.95 -9.28
C PRO C 3 -21.83 13.93 -8.15
N THR C 4 -22.29 14.34 -6.97
CA THR C 4 -22.23 13.51 -5.77
C THR C 4 -23.65 13.26 -5.27
N PHE C 5 -23.97 11.99 -5.04
CA PHE C 5 -25.30 11.56 -4.63
C PHE C 5 -25.24 11.01 -3.21
N SER C 6 -26.11 11.50 -2.35
CA SER C 6 -26.09 11.14 -0.94
C SER C 6 -27.51 11.27 -0.40
N PRO C 7 -27.84 10.56 0.70
CA PRO C 7 -27.02 9.61 1.46
C PRO C 7 -26.76 8.30 0.73
N ALA C 8 -25.63 7.66 1.01
CA ALA C 8 -25.33 6.38 0.37
C ALA C 8 -26.37 5.32 0.70
N LEU C 9 -27.02 5.44 1.85
CA LEU C 9 -28.08 4.53 2.26
C LEU C 9 -29.15 5.32 3.00
N LEU C 10 -30.39 5.17 2.56
CA LEU C 10 -31.53 5.84 3.18
C LEU C 10 -32.64 4.83 3.41
N VAL C 11 -33.04 4.67 4.66
CA VAL C 11 -34.09 3.74 5.05
C VAL C 11 -35.26 4.56 5.58
N VAL C 12 -36.43 4.42 4.93
CA VAL C 12 -37.63 5.10 5.34
C VAL C 12 -38.76 4.09 5.44
N THR C 13 -39.83 4.48 6.13
CA THR C 13 -41.02 3.66 6.25
C THR C 13 -42.03 4.05 5.18
N GLU C 14 -42.80 3.07 4.72
CA GLU C 14 -43.78 3.31 3.67
C GLU C 14 -44.77 4.39 4.10
N GLY C 15 -44.92 5.40 3.26
CA GLY C 15 -45.80 6.52 3.55
C GLY C 15 -45.05 7.83 3.67
N ASP C 16 -43.85 7.79 4.25
CA ASP C 16 -43.05 8.99 4.40
C ASP C 16 -42.29 9.29 3.11
N ASN C 17 -41.57 10.41 3.10
CA ASN C 17 -40.82 10.85 1.93
C ASN C 17 -39.35 10.45 2.07
N ALA C 18 -38.78 10.01 0.95
CA ALA C 18 -37.36 9.66 0.87
C ALA C 18 -36.66 10.75 0.06
N THR C 19 -35.79 11.51 0.72
CA THR C 19 -35.14 12.67 0.13
C THR C 19 -33.64 12.42 0.00
N PHE C 20 -33.14 12.48 -1.23
CA PHE C 20 -31.71 12.42 -1.49
C PHE C 20 -31.18 13.80 -1.84
N THR C 21 -29.86 13.90 -1.98
CA THR C 21 -29.20 15.14 -2.34
C THR C 21 -28.20 14.88 -3.45
N CYS C 22 -28.34 15.64 -4.54
CA CYS C 22 -27.39 15.61 -5.66
C CYS C 22 -26.70 16.96 -5.74
N SER C 23 -25.37 16.93 -5.71
CA SER C 23 -24.56 18.15 -5.65
C SER C 23 -23.72 18.28 -6.92
N PHE C 24 -23.86 19.42 -7.60
CA PHE C 24 -23.08 19.71 -8.80
C PHE C 24 -23.11 21.20 -9.11
N VAL C 32 -28.15 20.09 -17.78
CA VAL C 32 -29.35 19.39 -17.32
C VAL C 32 -28.96 18.32 -16.29
N LEU C 33 -29.71 18.29 -15.19
CA LEU C 33 -29.52 17.31 -14.14
C LEU C 33 -30.68 16.32 -14.15
N ASN C 34 -30.36 15.02 -14.15
CA ASN C 34 -31.36 13.97 -14.26
C ASN C 34 -31.27 13.04 -13.05
N TRP C 35 -32.44 12.61 -12.57
CA TRP C 35 -32.55 11.67 -11.47
C TRP C 35 -32.83 10.29 -12.05
N TYR C 36 -31.94 9.34 -11.78
CA TYR C 36 -32.04 7.99 -12.31
C TYR C 36 -32.25 6.98 -11.19
N ARG C 37 -32.90 5.87 -11.53
CA ARG C 37 -33.00 4.73 -10.62
C ARG C 37 -32.29 3.53 -11.24
N GLN C 43 -28.58 -0.60 -16.37
CA GLN C 43 -29.41 0.37 -17.08
C GLN C 43 -29.99 1.42 -16.13
N THR C 44 -30.28 2.60 -16.67
CA THR C 44 -30.80 3.71 -15.90
C THR C 44 -32.19 4.09 -16.41
N ASP C 45 -33.08 4.41 -15.48
CA ASP C 45 -34.43 4.86 -15.80
C ASP C 45 -34.63 6.26 -15.24
N LYS C 46 -34.89 7.21 -16.13
CA LYS C 46 -35.04 8.61 -15.73
C LYS C 46 -36.29 8.79 -14.88
N LEU C 47 -36.12 9.37 -13.70
CA LEU C 47 -37.23 9.66 -12.80
C LEU C 47 -37.71 11.09 -12.89
N ALA C 48 -36.78 12.05 -12.86
CA ALA C 48 -37.14 13.47 -12.95
C ALA C 48 -35.93 14.22 -13.48
N ALA C 49 -36.15 15.49 -13.83
CA ALA C 49 -35.12 16.34 -14.38
C ALA C 49 -35.30 17.77 -13.88
N PHE C 50 -34.19 18.46 -13.69
CA PHE C 50 -34.20 19.87 -13.34
C PHE C 50 -33.63 20.69 -14.48
N PRO C 51 -34.36 21.71 -14.97
CA PRO C 51 -35.70 22.09 -14.50
C PRO C 51 -36.80 21.21 -15.07
N SER C 61 -44.85 13.46 -10.91
CA SER C 61 -45.48 12.51 -10.02
C SER C 61 -44.87 12.58 -8.61
N ARG C 62 -44.64 11.42 -8.01
CA ARG C 62 -44.09 11.36 -6.66
C ARG C 62 -42.61 11.68 -6.59
N PHE C 63 -41.94 11.85 -7.73
CA PHE C 63 -40.51 12.15 -7.78
C PHE C 63 -40.32 13.60 -8.19
N ARG C 64 -39.93 14.44 -7.25
CA ARG C 64 -39.75 15.86 -7.50
C ARG C 64 -38.31 16.27 -7.18
N VAL C 65 -37.81 17.24 -7.95
CA VAL C 65 -36.46 17.77 -7.78
C VAL C 65 -36.59 19.24 -7.41
N THR C 66 -35.92 19.63 -6.31
CA THR C 66 -35.98 20.99 -5.81
C THR C 66 -34.57 21.54 -5.65
N GLN C 67 -34.34 22.72 -6.20
CA GLN C 67 -33.03 23.36 -6.09
C GLN C 67 -32.92 24.08 -4.75
N LEU C 68 -31.79 23.91 -4.08
CA LEU C 68 -31.56 24.50 -2.79
C LEU C 68 -31.12 25.95 -2.92
N PRO C 69 -31.20 26.73 -1.84
CA PRO C 69 -30.85 28.17 -1.94
C PRO C 69 -29.45 28.43 -2.48
N ASN C 70 -28.47 27.56 -2.20
CA ASN C 70 -27.13 27.79 -2.71
C ASN C 70 -27.00 27.52 -4.21
N GLY C 71 -28.03 26.93 -4.82
CA GLY C 71 -28.03 26.69 -6.26
C GLY C 71 -27.20 25.50 -6.72
N ARG C 72 -26.33 24.97 -5.87
CA ARG C 72 -25.48 23.84 -6.25
C ARG C 72 -26.00 22.50 -5.74
N ASP C 73 -26.86 22.50 -4.72
CA ASP C 73 -27.42 21.28 -4.18
C ASP C 73 -28.87 21.15 -4.61
N PHE C 74 -29.32 19.90 -4.76
CA PHE C 74 -30.65 19.61 -5.26
C PHE C 74 -31.28 18.49 -4.43
N HIS C 75 -32.46 18.75 -3.88
CA HIS C 75 -33.21 17.73 -3.18
C HIS C 75 -34.01 16.89 -4.18
N MET C 76 -33.82 15.58 -4.11
CA MET C 76 -34.55 14.63 -4.95
C MET C 76 -35.38 13.75 -4.02
N SER C 77 -36.66 14.07 -3.90
CA SER C 77 -37.55 13.47 -2.92
C SER C 77 -38.51 12.49 -3.58
N VAL C 78 -38.79 11.39 -2.88
CA VAL C 78 -39.81 10.43 -3.28
C VAL C 78 -41.00 10.64 -2.37
N VAL C 79 -42.01 11.36 -2.84
CA VAL C 79 -43.20 11.63 -2.04
C VAL C 79 -43.98 10.34 -1.85
N ARG C 80 -44.25 9.99 -0.59
CA ARG C 80 -44.99 8.79 -0.22
C ARG C 80 -44.35 7.55 -0.84
N ALA C 81 -43.19 7.21 -0.31
CA ALA C 81 -42.43 6.08 -0.83
C ALA C 81 -43.17 4.77 -0.58
N ARG C 82 -43.17 3.91 -1.60
CA ARG C 82 -43.78 2.60 -1.52
C ARG C 82 -42.71 1.53 -1.33
N ARG C 83 -43.17 0.32 -0.97
CA ARG C 83 -42.23 -0.77 -0.71
C ARG C 83 -41.43 -1.12 -1.96
N ASN C 84 -42.05 -1.04 -3.14
CA ASN C 84 -41.37 -1.40 -4.37
C ASN C 84 -40.43 -0.31 -4.88
N ASP C 85 -40.39 0.85 -4.22
CA ASP C 85 -39.42 1.88 -4.57
C ASP C 85 -38.02 1.57 -4.06
N SER C 86 -37.85 0.48 -3.31
CA SER C 86 -36.54 0.09 -2.81
C SER C 86 -35.62 -0.28 -3.97
N GLY C 87 -34.42 0.28 -3.97
CA GLY C 87 -33.48 0.00 -5.05
C GLY C 87 -32.30 0.95 -4.98
N THR C 88 -31.56 1.00 -6.08
CA THR C 88 -30.38 1.84 -6.20
C THR C 88 -30.69 3.07 -7.06
N TYR C 89 -30.23 4.22 -6.60
CA TYR C 89 -30.51 5.49 -7.26
C TYR C 89 -29.22 6.26 -7.46
N LEU C 90 -29.21 7.12 -8.48
CA LEU C 90 -28.07 7.99 -8.76
C LEU C 90 -28.57 9.18 -9.55
N CYS C 91 -27.70 10.18 -9.69
CA CYS C 91 -28.00 11.35 -10.51
C CYS C 91 -26.86 11.57 -11.51
N GLY C 92 -27.23 12.07 -12.68
CA GLY C 92 -26.25 12.32 -13.72
C GLY C 92 -26.46 13.67 -14.36
N ALA C 93 -25.35 14.27 -14.78
CA ALA C 93 -25.35 15.57 -15.43
C ALA C 93 -24.97 15.39 -16.90
N ILE C 94 -25.84 15.84 -17.79
CA ILE C 94 -25.59 15.71 -19.23
C ILE C 94 -25.35 17.08 -19.84
N ILE C 102 -22.39 12.46 -20.38
CA ILE C 102 -23.32 12.03 -19.34
C ILE C 102 -22.53 11.56 -18.11
N LYS C 103 -22.12 12.52 -17.28
CA LYS C 103 -21.33 12.21 -16.10
C LYS C 103 -22.26 11.81 -14.96
N GLU C 104 -22.06 10.61 -14.43
CA GLU C 104 -22.93 10.03 -13.42
C GLU C 104 -22.27 10.07 -12.05
N SER C 105 -23.10 9.90 -11.03
CA SER C 105 -22.65 9.83 -9.64
C SER C 105 -22.59 8.37 -9.20
N LEU C 106 -22.15 8.17 -7.96
CA LEU C 106 -22.20 6.84 -7.37
C LEU C 106 -23.64 6.48 -7.01
N ARG C 107 -23.88 5.19 -6.80
CA ARG C 107 -25.21 4.66 -6.60
C ARG C 107 -25.53 4.59 -5.11
N ALA C 108 -26.64 5.19 -4.71
CA ALA C 108 -27.14 5.12 -3.35
C ALA C 108 -28.29 4.14 -3.26
N GLU C 109 -28.42 3.49 -2.11
CA GLU C 109 -29.46 2.49 -1.90
C GLU C 109 -30.58 3.07 -1.06
N LEU C 110 -31.82 2.82 -1.47
CA LEU C 110 -33.01 3.23 -0.74
C LEU C 110 -33.76 1.99 -0.27
N ARG C 111 -34.08 1.94 1.02
CA ARG C 111 -34.88 0.87 1.59
C ARG C 111 -36.18 1.44 2.12
N VAL C 112 -37.30 0.80 1.78
CA VAL C 112 -38.61 1.19 2.26
C VAL C 112 -39.18 0.01 3.03
N THR C 113 -39.22 0.14 4.35
CA THR C 113 -39.71 -0.94 5.19
C THR C 113 -41.24 -0.89 5.30
N GLU C 114 -41.83 -2.08 5.46
CA GLU C 114 -43.28 -2.18 5.54
C GLU C 114 -43.80 -1.57 6.83
N ARG C 115 -45.08 -1.18 6.80
CA ARG C 115 -45.73 -0.58 7.96
C ARG C 115 -47.04 -1.29 8.27
#